data_5DHK
#
_entry.id   5DHK
#
_cell.length_a   126.690
_cell.length_b   126.690
_cell.length_c   122.000
_cell.angle_alpha   90.000
_cell.angle_beta   90.000
_cell.angle_gamma   90.000
#
_symmetry.space_group_name_H-M   'P 41 21 2'
#
loop_
_entity.id
_entity.type
_entity.pdbx_description
1 polymer '5-epi-aristolochene synthase'
2 non-polymer 'MAGNESIUM ION'
3 non-polymer FARNESYL
4 water water
#
_entity_poly.entity_id   1
_entity_poly.type   'polypeptide(L)'
_entity_poly.pdbx_seq_one_letter_code
;IVRPVADFSPSLWGDQFLSFSIKNQVAEKYAKEIEALKEQTRNMLLATGMKLADTLNLIDTIERLGISYHFEKEIDDILD
QIYNQNSNCNDLCTSALQFRLLRQHGFNISPEIFSKFQDENGKFKESLASDVLGLLNLYEASHVRTHADDILEDALAFST
IHLESAAPHLKSPLREQVTHALEQCLHKGVPRVETRFFISSIYDKEQSKNNVLLRFAKLDFNLLQMLHKQELAQVSRWWK
DLDFVTTLPYARDRVVECYFEALGVYFEPQYSQARVMLVKTISMISIVDDTFDAYGTVKELEAYTDAIQRWDINEIDRLP
DYMKISYKAILDLYKDYEKELSSAGRSHIVCHAIERMKEVVRNYNVESTWFIEGYTPPVSEYLSNALATTTYYYLATTSY
LGMKSATEQDFEWLSKNPKILEASVIICRVIDDTATYEVEKSRGQIATGIECCMRDYGISTKEAMAKFQNMAETAWKDIN
EGLLRPTPVSTEFLTPILNLARIVEVTYIHNLDGYTHPEKVLKPHIINLLVDSIKI
;
_entity_poly.pdbx_strand_id   A
#
# COMPACT_ATOMS: atom_id res chain seq x y z
N ILE A 1 34.30 12.07 -18.08
CA ILE A 1 33.62 10.92 -17.48
C ILE A 1 32.44 10.47 -18.33
N VAL A 2 32.37 9.17 -18.60
CA VAL A 2 31.32 8.59 -19.43
C VAL A 2 30.22 8.04 -18.53
N ARG A 3 28.96 8.44 -18.80
CA ARG A 3 27.79 7.94 -18.08
C ARG A 3 27.08 6.86 -18.89
N PRO A 4 26.24 6.04 -18.26
CA PRO A 4 25.55 4.95 -18.98
C PRO A 4 24.34 5.48 -19.76
N VAL A 5 23.69 4.56 -20.49
CA VAL A 5 22.66 4.91 -21.47
C VAL A 5 21.29 5.02 -20.81
N ALA A 6 20.51 6.02 -21.24
CA ALA A 6 19.16 6.24 -20.72
C ALA A 6 18.16 5.34 -21.44
N ASP A 7 17.46 4.49 -20.68
CA ASP A 7 16.50 3.55 -21.22
C ASP A 7 15.12 3.66 -20.60
N PHE A 8 14.93 4.53 -19.61
CA PHE A 8 13.63 4.71 -18.96
C PHE A 8 12.67 5.39 -19.92
N SER A 9 11.45 4.86 -20.01
CA SER A 9 10.43 5.50 -20.84
C SER A 9 9.94 6.79 -20.20
N PRO A 10 9.51 7.77 -21.00
CA PRO A 10 9.04 9.03 -20.45
C PRO A 10 7.65 8.90 -19.84
N SER A 11 7.27 9.95 -19.12
CA SER A 11 5.95 10.02 -18.50
C SER A 11 4.85 9.87 -19.54
N LEU A 12 4.06 8.79 -19.41
CA LEU A 12 2.88 8.57 -20.22
C LEU A 12 1.95 9.75 -20.27
N TRP A 13 2.01 10.63 -19.27
CA TRP A 13 0.87 11.50 -18.98
C TRP A 13 0.97 12.90 -19.55
N GLY A 14 2.16 13.35 -19.94
CA GLY A 14 2.29 14.72 -20.41
C GLY A 14 1.82 15.68 -19.33
N ASP A 15 0.89 16.56 -19.70
CA ASP A 15 0.42 17.60 -18.79
C ASP A 15 -1.07 17.49 -18.50
N GLN A 16 -1.69 16.33 -18.73
CA GLN A 16 -3.14 16.23 -18.52
C GLN A 16 -3.53 16.49 -17.07
N PHE A 17 -2.58 16.45 -16.15
CA PHE A 17 -2.85 16.67 -14.74
C PHE A 17 -2.43 18.05 -14.25
N LEU A 18 -1.84 18.88 -15.11
CA LEU A 18 -1.19 20.12 -14.65
C LEU A 18 -2.18 21.15 -14.13
N SER A 19 -3.40 21.19 -14.66
CA SER A 19 -4.37 22.18 -14.22
C SER A 19 -5.72 21.51 -14.05
N PHE A 20 -6.26 21.60 -12.84
CA PHE A 20 -7.60 21.12 -12.57
C PHE A 20 -8.31 22.20 -11.78
N SER A 21 -9.36 22.75 -12.37
CA SER A 21 -10.21 23.71 -11.71
C SER A 21 -11.45 22.99 -11.20
N ILE A 22 -11.62 22.97 -9.88
CA ILE A 22 -12.83 22.39 -9.32
C ILE A 22 -14.04 23.21 -9.75
N LYS A 23 -15.04 22.52 -10.30
CA LYS A 23 -16.36 23.11 -10.52
C LYS A 23 -17.04 23.26 -9.16
N ASN A 24 -16.83 24.40 -8.52
CA ASN A 24 -17.19 24.51 -7.11
C ASN A 24 -18.68 24.29 -6.88
N GLN A 25 -19.52 24.57 -7.88
CA GLN A 25 -20.96 24.32 -7.72
C GLN A 25 -21.23 22.82 -7.63
N VAL A 26 -20.62 22.03 -8.52
CA VAL A 26 -20.81 20.58 -8.49
C VAL A 26 -20.40 20.02 -7.15
N ALA A 27 -19.19 20.36 -6.69
CA ALA A 27 -18.72 19.89 -5.41
C ALA A 27 -19.74 20.16 -4.30
N GLU A 28 -20.20 21.40 -4.19
CA GLU A 28 -21.12 21.73 -3.10
C GLU A 28 -22.44 20.97 -3.24
N LYS A 29 -22.86 20.68 -4.46
CA LYS A 29 -24.06 19.87 -4.65
C LYS A 29 -23.85 18.46 -4.13
N TYR A 30 -22.76 17.82 -4.57
CA TYR A 30 -22.37 16.51 -4.05
C TYR A 30 -22.29 16.52 -2.53
N ALA A 31 -21.56 17.48 -1.97
CA ALA A 31 -21.41 17.48 -0.51
C ALA A 31 -22.76 17.53 0.18
N LYS A 32 -23.65 18.38 -0.32
CA LYS A 32 -24.94 18.56 0.36
C LYS A 32 -25.76 17.28 0.30
N GLU A 33 -25.84 16.62 -0.87
CA GLU A 33 -26.59 15.37 -0.89
C GLU A 33 -25.90 14.30 -0.04
N ILE A 34 -24.56 14.29 -0.08
CA ILE A 34 -23.79 13.31 0.69
C ILE A 34 -24.15 13.38 2.15
N GLU A 35 -24.35 14.60 2.67
CA GLU A 35 -24.69 14.76 4.08
C GLU A 35 -25.99 14.05 4.39
N ALA A 36 -26.99 14.24 3.53
CA ALA A 36 -28.26 13.57 3.72
C ALA A 36 -28.07 12.05 3.67
N LEU A 37 -27.38 11.56 2.63
CA LEU A 37 -27.20 10.12 2.49
C LEU A 37 -26.37 9.56 3.65
N LYS A 38 -25.43 10.35 4.16
CA LYS A 38 -24.63 9.92 5.30
C LYS A 38 -25.51 9.59 6.49
N GLU A 39 -26.48 10.45 6.79
CA GLU A 39 -27.33 10.19 7.95
C GLU A 39 -28.24 8.99 7.71
N GLN A 40 -28.76 8.83 6.50
CA GLN A 40 -29.53 7.63 6.21
C GLN A 40 -28.70 6.38 6.46
N THR A 41 -27.44 6.41 6.02
CA THR A 41 -26.54 5.28 6.23
C THR A 41 -26.30 5.06 7.72
N ARG A 42 -26.01 6.13 8.46
CA ARG A 42 -25.82 5.99 9.89
C ARG A 42 -26.99 5.26 10.51
N ASN A 43 -28.20 5.76 10.27
CA ASN A 43 -29.39 5.16 10.87
C ASN A 43 -29.55 3.70 10.47
N MET A 44 -29.05 3.31 9.29
CA MET A 44 -29.00 1.88 9.00
C MET A 44 -28.12 1.14 9.99
N LEU A 45 -26.91 1.66 10.23
CA LEU A 45 -25.98 0.98 11.11
C LEU A 45 -26.49 0.93 12.55
N LEU A 46 -27.15 2.01 13.01
CA LEU A 46 -27.69 2.07 14.36
C LEU A 46 -29.04 1.40 14.48
N ALA A 47 -29.47 0.65 13.47
CA ALA A 47 -30.78 0.01 13.51
C ALA A 47 -30.75 -1.18 14.45
N THR A 48 -31.84 -1.38 15.17
CA THR A 48 -31.91 -2.40 16.19
C THR A 48 -32.53 -3.67 15.63
N GLY A 49 -32.29 -4.78 16.30
CA GLY A 49 -32.88 -6.04 15.92
C GLY A 49 -32.41 -6.62 14.61
N MET A 50 -31.30 -6.14 14.06
CA MET A 50 -30.72 -6.78 12.89
C MET A 50 -30.14 -8.13 13.28
N LYS A 51 -30.29 -9.11 12.40
CA LYS A 51 -29.61 -10.39 12.56
C LYS A 51 -28.10 -10.20 12.39
N LEU A 52 -27.34 -11.15 12.92
CA LEU A 52 -25.88 -11.08 12.77
C LEU A 52 -25.47 -10.99 11.31
N ALA A 53 -25.98 -11.93 10.48
CA ALA A 53 -25.57 -11.99 9.09
C ALA A 53 -25.88 -10.70 8.36
N ASP A 54 -27.00 -10.05 8.68
CA ASP A 54 -27.34 -8.81 7.99
C ASP A 54 -26.50 -7.64 8.47
N THR A 55 -26.06 -7.66 9.74
CA THR A 55 -25.20 -6.59 10.24
C THR A 55 -23.80 -6.69 9.64
N LEU A 56 -23.28 -7.90 9.54
CA LEU A 56 -21.96 -8.07 8.94
C LEU A 56 -22.02 -7.74 7.45
N ASN A 57 -23.05 -8.20 6.76
CA ASN A 57 -23.15 -7.89 5.33
C ASN A 57 -23.28 -6.38 5.10
N LEU A 58 -23.99 -5.70 6.00
CA LEU A 58 -24.09 -4.24 5.88
C LEU A 58 -22.72 -3.59 6.03
N ILE A 59 -22.02 -3.91 7.12
CA ILE A 59 -20.70 -3.31 7.34
C ILE A 59 -19.76 -3.65 6.19
N ASP A 60 -19.76 -4.91 5.75
CA ASP A 60 -18.88 -5.29 4.65
C ASP A 60 -19.16 -4.46 3.41
N THR A 61 -20.45 -4.25 3.11
CA THR A 61 -20.83 -3.46 1.94
C THR A 61 -20.36 -2.03 2.07
N ILE A 62 -20.62 -1.41 3.22
CA ILE A 62 -20.18 -0.03 3.40
C ILE A 62 -18.66 0.08 3.26
N GLU A 63 -17.92 -0.95 3.69
CA GLU A 63 -16.46 -0.89 3.61
C GLU A 63 -15.98 -1.05 2.16
N ARG A 64 -16.53 -2.03 1.44
CA ARG A 64 -16.18 -2.17 0.03
C ARG A 64 -16.60 -0.96 -0.80
N LEU A 65 -17.71 -0.30 -0.43
CA LEU A 65 -18.13 0.88 -1.18
C LEU A 65 -17.21 2.06 -0.95
N GLY A 66 -16.28 1.95 -0.01
CA GLY A 66 -15.30 3.00 0.24
C GLY A 66 -15.79 4.13 1.09
N ILE A 67 -16.89 3.94 1.82
CA ILE A 67 -17.47 5.00 2.64
C ILE A 67 -17.38 4.70 4.13
N SER A 68 -16.83 3.57 4.53
CA SER A 68 -16.69 3.28 5.96
C SER A 68 -15.86 4.32 6.71
N TYR A 69 -14.98 5.07 6.05
CA TYR A 69 -14.25 6.09 6.82
C TYR A 69 -15.17 7.14 7.43
N HIS A 70 -16.44 7.17 7.05
CA HIS A 70 -17.43 8.06 7.69
C HIS A 70 -18.01 7.48 8.97
N PHE A 71 -17.90 6.17 9.22
CA PHE A 71 -18.58 5.52 10.33
C PHE A 71 -17.62 4.70 11.18
N GLU A 72 -16.44 5.25 11.48
CA GLU A 72 -15.44 4.45 12.20
C GLU A 72 -15.90 4.14 13.62
N LYS A 73 -16.58 5.08 14.27
CA LYS A 73 -17.12 4.80 15.59
C LYS A 73 -18.26 3.78 15.55
N GLU A 74 -19.27 4.01 14.70
CA GLU A 74 -20.41 3.09 14.65
C GLU A 74 -19.97 1.68 14.28
N ILE A 75 -19.11 1.55 13.28
CA ILE A 75 -18.63 0.23 12.87
C ILE A 75 -17.88 -0.40 14.02
N ASP A 76 -17.05 0.39 14.72
CA ASP A 76 -16.27 -0.14 15.84
C ASP A 76 -17.18 -0.68 16.93
N ASP A 77 -18.17 0.11 17.33
CA ASP A 77 -19.04 -0.34 18.41
C ASP A 77 -19.76 -1.63 18.05
N ILE A 78 -20.21 -1.75 16.80
CA ILE A 78 -20.99 -2.94 16.43
C ILE A 78 -20.11 -4.19 16.40
N LEU A 79 -18.89 -4.09 15.86
CA LEU A 79 -17.99 -5.23 15.83
C LEU A 79 -17.53 -5.58 17.24
N ASP A 80 -17.21 -4.57 18.05
CA ASP A 80 -16.86 -4.82 19.44
C ASP A 80 -17.93 -5.66 20.12
N GLN A 81 -19.17 -5.18 20.07
CA GLN A 81 -20.27 -5.94 20.66
C GLN A 81 -20.35 -7.34 20.06
N ILE A 82 -20.17 -7.48 18.75
CA ILE A 82 -20.19 -8.83 18.16
C ILE A 82 -19.07 -9.68 18.73
N TYR A 83 -17.90 -9.07 18.91
CA TYR A 83 -16.74 -9.77 19.44
C TYR A 83 -17.05 -10.36 20.81
N ASN A 84 -17.63 -9.54 21.69
CA ASN A 84 -17.88 -9.95 23.07
C ASN A 84 -19.09 -10.89 23.23
N GLN A 85 -20.00 -10.93 22.27
CA GLN A 85 -21.11 -11.87 22.36
C GLN A 85 -20.71 -13.29 21.97
N ASN A 86 -19.51 -13.48 21.41
CA ASN A 86 -18.99 -14.76 20.95
C ASN A 86 -20.12 -15.68 20.47
N SER A 87 -21.07 -15.09 19.75
CA SER A 87 -22.25 -15.82 19.30
C SER A 87 -21.85 -17.03 18.47
N ASN A 88 -22.71 -18.05 18.49
CA ASN A 88 -22.55 -19.21 17.62
C ASN A 88 -23.40 -19.04 16.38
N CYS A 89 -22.81 -19.36 15.24
CA CYS A 89 -23.48 -19.27 13.94
C CYS A 89 -22.93 -20.36 13.04
N ASN A 90 -23.82 -21.18 12.47
CA ASN A 90 -23.44 -22.45 11.86
C ASN A 90 -23.30 -22.35 10.35
N ASP A 91 -23.00 -21.15 9.86
CA ASP A 91 -23.04 -20.86 8.43
C ASP A 91 -21.63 -20.42 8.01
N LEU A 92 -21.04 -21.15 7.07
CA LEU A 92 -19.67 -20.84 6.64
C LEU A 92 -19.57 -19.38 6.19
N CYS A 93 -20.55 -18.94 5.38
CA CYS A 93 -20.57 -17.59 4.85
C CYS A 93 -20.48 -16.55 5.96
N THR A 94 -21.31 -16.68 6.98
CA THR A 94 -21.34 -15.67 8.03
C THR A 94 -20.16 -15.81 8.98
N SER A 95 -19.70 -17.05 9.22
CA SER A 95 -18.57 -17.26 10.12
C SER A 95 -17.30 -16.67 9.53
N ALA A 96 -16.99 -17.04 8.29
CA ALA A 96 -15.81 -16.50 7.63
C ALA A 96 -15.84 -14.97 7.57
N LEU A 97 -17.00 -14.38 7.31
CA LEU A 97 -17.07 -12.91 7.24
C LEU A 97 -16.87 -12.30 8.62
N GLN A 98 -17.54 -12.84 9.64
CA GLN A 98 -17.31 -12.42 11.02
C GLN A 98 -15.82 -12.48 11.39
N PHE A 99 -15.14 -13.53 10.97
CA PHE A 99 -13.74 -13.65 11.28
C PHE A 99 -12.93 -12.54 10.63
N ARG A 100 -13.14 -12.31 9.32
CA ARG A 100 -12.35 -11.32 8.61
C ARG A 100 -12.57 -9.92 9.15
N LEU A 101 -13.84 -9.54 9.34
CA LEU A 101 -14.11 -8.17 9.74
C LEU A 101 -13.55 -7.90 11.14
N LEU A 102 -13.73 -8.85 12.06
CA LEU A 102 -13.17 -8.68 13.40
C LEU A 102 -11.65 -8.60 13.36
N ARG A 103 -10.99 -9.56 12.67
CA ARG A 103 -9.53 -9.54 12.62
C ARG A 103 -9.00 -8.26 11.98
N GLN A 104 -9.61 -7.81 10.87
CA GLN A 104 -9.11 -6.62 10.21
C GLN A 104 -9.23 -5.40 11.12
N HIS A 105 -10.17 -5.42 12.06
CA HIS A 105 -10.37 -4.31 12.98
C HIS A 105 -9.67 -4.52 14.32
N GLY A 106 -8.87 -5.57 14.45
CA GLY A 106 -8.02 -5.74 15.61
C GLY A 106 -8.52 -6.69 16.67
N PHE A 107 -9.78 -7.13 16.60
CA PHE A 107 -10.35 -8.03 17.60
C PHE A 107 -9.84 -9.45 17.38
N ASN A 108 -9.17 -10.00 18.38
CA ASN A 108 -8.50 -11.28 18.25
C ASN A 108 -9.50 -12.44 18.39
N ILE A 109 -10.47 -12.45 17.49
CA ILE A 109 -11.44 -13.55 17.50
C ILE A 109 -10.70 -14.86 17.27
N SER A 110 -11.21 -15.94 17.90
CA SER A 110 -10.54 -17.25 17.85
C SER A 110 -10.82 -17.93 16.52
N PRO A 111 -9.80 -18.55 15.91
CA PRO A 111 -10.04 -19.33 14.70
C PRO A 111 -10.80 -20.62 14.96
N GLU A 112 -11.14 -20.92 16.21
CA GLU A 112 -11.90 -22.13 16.47
C GLU A 112 -13.30 -22.04 15.91
N ILE A 113 -13.75 -20.84 15.53
CA ILE A 113 -15.03 -20.69 14.84
C ILE A 113 -15.06 -21.52 13.58
N PHE A 114 -13.89 -21.86 13.02
CA PHE A 114 -13.84 -22.65 11.79
C PHE A 114 -13.79 -24.16 12.04
N SER A 115 -13.63 -24.64 13.28
CA SER A 115 -13.47 -26.08 13.47
C SER A 115 -14.74 -26.85 13.08
N LYS A 116 -15.93 -26.30 13.37
CA LYS A 116 -17.15 -26.99 12.98
C LYS A 116 -17.28 -27.21 11.47
N PHE A 117 -16.43 -26.59 10.65
CA PHE A 117 -16.43 -26.82 9.20
C PHE A 117 -15.32 -27.76 8.75
N GLN A 118 -14.65 -28.42 9.68
CA GLN A 118 -13.55 -29.30 9.32
C GLN A 118 -13.80 -30.69 9.84
N ASP A 119 -13.14 -31.66 9.20
CA ASP A 119 -13.16 -33.05 9.63
C ASP A 119 -12.18 -33.29 10.78
N GLU A 120 -11.46 -34.42 10.73
CA GLU A 120 -10.48 -34.78 11.76
C GLU A 120 -9.18 -34.00 11.60
N ASN A 121 -8.48 -34.21 10.47
CA ASN A 121 -7.14 -33.65 10.27
C ASN A 121 -7.15 -32.13 10.32
N GLY A 122 -8.29 -31.53 10.61
CA GLY A 122 -8.43 -30.11 10.41
C GLY A 122 -8.38 -29.76 8.94
N LYS A 123 -9.06 -30.54 8.11
CA LYS A 123 -9.26 -30.20 6.71
C LYS A 123 -10.74 -29.87 6.51
N PHE A 124 -10.99 -28.88 5.65
CA PHE A 124 -12.35 -28.41 5.45
C PHE A 124 -13.20 -29.50 4.82
N LYS A 125 -14.41 -29.70 5.35
CA LYS A 125 -15.30 -30.70 4.77
C LYS A 125 -15.58 -30.35 3.32
N GLU A 126 -15.29 -31.29 2.42
CA GLU A 126 -15.50 -31.00 1.01
C GLU A 126 -16.96 -30.89 0.64
N SER A 127 -17.87 -31.34 1.51
CA SER A 127 -19.28 -31.10 1.25
C SER A 127 -19.58 -29.61 1.12
N LEU A 128 -18.73 -28.74 1.68
CA LEU A 128 -18.92 -27.30 1.55
C LEU A 128 -18.61 -26.76 0.16
N ALA A 129 -18.05 -27.59 -0.73
CA ALA A 129 -17.54 -27.14 -2.01
C ALA A 129 -18.62 -26.63 -2.96
N SER A 130 -19.90 -26.78 -2.60
CA SER A 130 -20.99 -26.29 -3.42
C SER A 130 -21.65 -25.04 -2.82
N ASP A 131 -20.98 -24.38 -1.87
CA ASP A 131 -21.52 -23.20 -1.18
C ASP A 131 -20.69 -22.00 -1.63
N VAL A 132 -20.99 -21.51 -2.84
CA VAL A 132 -20.10 -20.55 -3.49
C VAL A 132 -19.84 -19.36 -2.58
N LEU A 133 -20.90 -18.80 -2.00
CA LEU A 133 -20.72 -17.63 -1.14
C LEU A 133 -19.88 -17.96 0.08
N GLY A 134 -20.17 -19.08 0.75
CA GLY A 134 -19.29 -19.51 1.82
C GLY A 134 -17.85 -19.60 1.40
N LEU A 135 -17.60 -20.25 0.25
CA LEU A 135 -16.25 -20.35 -0.27
C LEU A 135 -15.64 -18.97 -0.49
N LEU A 136 -16.38 -18.06 -1.11
CA LEU A 136 -15.85 -16.73 -1.37
C LEU A 136 -15.37 -16.07 -0.09
N ASN A 137 -16.18 -16.12 0.97
CA ASN A 137 -15.83 -15.46 2.22
C ASN A 137 -14.72 -16.18 2.96
N LEU A 138 -14.65 -17.51 2.87
CA LEU A 138 -13.50 -18.21 3.43
C LEU A 138 -12.24 -17.77 2.71
N TYR A 139 -12.34 -17.55 1.40
CA TYR A 139 -11.17 -17.18 0.63
C TYR A 139 -10.64 -15.81 1.06
N GLU A 140 -11.53 -14.83 1.24
CA GLU A 140 -11.07 -13.53 1.71
C GLU A 140 -10.49 -13.63 3.11
N ALA A 141 -11.16 -14.38 4.00
CA ALA A 141 -10.71 -14.49 5.38
C ALA A 141 -9.36 -15.18 5.47
N SER A 142 -9.03 -16.06 4.52
CA SER A 142 -7.79 -16.80 4.61
C SER A 142 -6.56 -15.91 4.46
N HIS A 143 -6.73 -14.66 4.05
CA HIS A 143 -5.61 -13.76 3.89
C HIS A 143 -5.34 -12.92 5.13
N VAL A 144 -6.09 -13.08 6.22
CA VAL A 144 -5.79 -12.31 7.42
C VAL A 144 -5.24 -13.21 8.53
N ARG A 145 -4.67 -14.37 8.19
CA ARG A 145 -4.13 -15.25 9.20
C ARG A 145 -2.95 -14.62 9.93
N THR A 146 -2.84 -14.95 11.21
CA THR A 146 -1.62 -14.78 12.00
C THR A 146 -0.91 -16.12 12.14
N HIS A 147 0.16 -16.16 12.93
CA HIS A 147 0.85 -17.42 13.19
C HIS A 147 0.04 -18.35 14.09
N ALA A 148 -0.94 -17.82 14.82
CA ALA A 148 -1.78 -18.64 15.67
C ALA A 148 -2.96 -19.29 14.96
N ASP A 149 -3.01 -19.25 13.62
CA ASP A 149 -4.21 -19.59 12.87
C ASP A 149 -4.00 -20.74 11.91
N ASP A 150 -3.28 -21.78 12.33
CA ASP A 150 -3.00 -22.88 11.42
C ASP A 150 -4.20 -23.78 11.15
N ILE A 151 -5.29 -23.63 11.91
CA ILE A 151 -6.56 -24.20 11.48
C ILE A 151 -6.86 -23.82 10.03
N LEU A 152 -6.51 -22.59 9.65
CA LEU A 152 -6.79 -22.06 8.33
C LEU A 152 -5.70 -22.37 7.32
N GLU A 153 -4.73 -23.22 7.67
CA GLU A 153 -3.61 -23.49 6.76
C GLU A 153 -4.10 -23.95 5.40
N ASP A 154 -5.26 -24.57 5.37
CA ASP A 154 -5.84 -25.22 4.20
C ASP A 154 -6.86 -24.35 3.47
N ALA A 155 -7.32 -23.23 4.09
CA ALA A 155 -8.48 -22.51 3.57
C ALA A 155 -8.22 -21.88 2.20
N LEU A 156 -7.03 -21.31 2.00
CA LEU A 156 -6.73 -20.72 0.70
C LEU A 156 -6.81 -21.75 -0.41
N ALA A 157 -6.09 -22.86 -0.27
CA ALA A 157 -6.11 -23.86 -1.34
C ALA A 157 -7.51 -24.44 -1.56
N PHE A 158 -8.24 -24.68 -0.47
CA PHE A 158 -9.55 -25.31 -0.58
C PHE A 158 -10.55 -24.36 -1.24
N SER A 159 -10.62 -23.13 -0.76
CA SER A 159 -11.54 -22.16 -1.37
C SER A 159 -11.15 -21.86 -2.81
N THR A 160 -9.85 -21.81 -3.10
CA THR A 160 -9.42 -21.45 -4.47
C THR A 160 -9.83 -22.51 -5.47
N ILE A 161 -9.55 -23.78 -5.18
CA ILE A 161 -9.85 -24.87 -6.11
C ILE A 161 -11.34 -24.87 -6.46
N HIS A 162 -12.18 -24.63 -5.47
CA HIS A 162 -13.60 -24.76 -5.72
C HIS A 162 -14.23 -23.48 -6.25
N LEU A 163 -13.63 -22.31 -5.99
CA LEU A 163 -14.10 -21.11 -6.65
C LEU A 163 -13.78 -21.18 -8.14
N GLU A 164 -12.59 -21.67 -8.48
CA GLU A 164 -12.25 -21.84 -9.88
C GLU A 164 -13.21 -22.81 -10.56
N SER A 165 -13.58 -23.88 -9.87
CA SER A 165 -14.46 -24.86 -10.48
C SER A 165 -15.85 -24.28 -10.70
N ALA A 166 -16.33 -23.46 -9.76
CA ALA A 166 -17.69 -22.94 -9.82
C ALA A 166 -17.82 -21.73 -10.73
N ALA A 167 -16.77 -20.90 -10.83
CA ALA A 167 -16.90 -19.56 -11.39
C ALA A 167 -17.60 -19.49 -12.75
N PRO A 168 -17.29 -20.36 -13.73
CA PRO A 168 -17.79 -20.12 -15.09
C PRO A 168 -19.31 -20.23 -15.21
N HIS A 169 -20.01 -20.80 -14.24
CA HIS A 169 -21.46 -20.97 -14.33
C HIS A 169 -22.19 -20.08 -13.35
N LEU A 170 -21.49 -19.17 -12.69
CA LEU A 170 -22.14 -18.28 -11.74
C LEU A 170 -22.81 -17.14 -12.49
N LYS A 171 -23.88 -16.64 -11.89
CA LYS A 171 -24.60 -15.52 -12.46
C LYS A 171 -23.81 -14.24 -12.26
N SER A 172 -24.18 -13.19 -12.99
CA SER A 172 -23.48 -11.91 -12.84
C SER A 172 -24.25 -11.01 -11.88
N PRO A 173 -23.54 -10.17 -11.11
CA PRO A 173 -22.09 -9.98 -11.15
C PRO A 173 -21.25 -10.89 -10.24
N LEU A 174 -21.90 -11.81 -9.51
CA LEU A 174 -21.13 -12.69 -8.62
C LEU A 174 -19.95 -13.32 -9.36
N ARG A 175 -20.15 -13.73 -10.62
CA ARG A 175 -19.05 -14.36 -11.34
C ARG A 175 -17.84 -13.44 -11.40
N GLU A 176 -18.07 -12.18 -11.75
CA GLU A 176 -16.97 -11.23 -11.89
C GLU A 176 -16.35 -10.92 -10.53
N GLN A 177 -17.15 -10.96 -9.47
CA GLN A 177 -16.59 -10.76 -8.14
C GLN A 177 -15.65 -11.89 -7.77
N VAL A 178 -16.05 -13.13 -8.04
CA VAL A 178 -15.19 -14.28 -7.72
C VAL A 178 -13.93 -14.25 -8.58
N THR A 179 -14.08 -14.01 -9.87
CA THR A 179 -12.91 -13.96 -10.75
C THR A 179 -11.92 -12.90 -10.29
N HIS A 180 -12.43 -11.75 -9.85
CA HIS A 180 -11.57 -10.67 -9.40
C HIS A 180 -10.87 -11.05 -8.11
N ALA A 181 -11.61 -11.68 -7.18
CA ALA A 181 -11.03 -12.07 -5.89
C ALA A 181 -9.88 -13.06 -6.08
N LEU A 182 -10.01 -13.98 -7.04
CA LEU A 182 -8.92 -14.92 -7.30
C LEU A 182 -7.68 -14.20 -7.84
N GLU A 183 -7.86 -13.07 -8.51
CA GLU A 183 -6.69 -12.34 -8.97
C GLU A 183 -6.19 -11.34 -7.93
N GLN A 184 -7.08 -10.82 -7.10
CA GLN A 184 -6.74 -9.78 -6.12
C GLN A 184 -7.68 -9.96 -4.94
N CYS A 185 -7.16 -10.46 -3.83
CA CYS A 185 -7.97 -10.58 -2.64
C CYS A 185 -8.17 -9.21 -2.03
N LEU A 186 -9.22 -9.11 -1.21
CA LEU A 186 -9.59 -7.82 -0.64
C LEU A 186 -8.53 -7.30 0.34
N HIS A 187 -8.01 -8.19 1.20
CA HIS A 187 -7.21 -7.72 2.33
C HIS A 187 -5.89 -7.11 1.89
N LYS A 188 -5.30 -7.62 0.80
CA LYS A 188 -4.00 -7.15 0.33
C LYS A 188 -4.08 -6.20 -0.86
N GLY A 189 -5.29 -5.73 -1.21
CA GLY A 189 -5.45 -4.77 -2.28
C GLY A 189 -5.37 -3.34 -1.78
N VAL A 190 -5.09 -2.42 -2.71
CA VAL A 190 -5.17 -0.99 -2.38
C VAL A 190 -6.63 -0.57 -2.24
N PRO A 191 -7.02 0.08 -1.14
CA PRO A 191 -8.45 0.31 -0.91
C PRO A 191 -9.17 1.12 -1.99
N ARG A 192 -8.60 2.22 -2.50
CA ARG A 192 -9.29 2.95 -3.56
C ARG A 192 -9.48 2.09 -4.79
N VAL A 193 -8.46 1.30 -5.15
CA VAL A 193 -8.58 0.43 -6.33
C VAL A 193 -9.71 -0.55 -6.14
N GLU A 194 -9.71 -1.26 -5.01
CA GLU A 194 -10.76 -2.23 -4.78
C GLU A 194 -12.12 -1.56 -4.71
N THR A 195 -12.17 -0.33 -4.22
CA THR A 195 -13.44 0.35 -4.06
C THR A 195 -13.99 0.80 -5.42
N ARG A 196 -13.13 1.32 -6.29
CA ARG A 196 -13.56 1.67 -7.64
C ARG A 196 -14.11 0.46 -8.36
N PHE A 197 -13.44 -0.69 -8.24
CA PHE A 197 -13.94 -1.89 -8.90
C PHE A 197 -15.27 -2.33 -8.29
N PHE A 198 -15.40 -2.27 -6.97
CA PHE A 198 -16.62 -2.80 -6.37
C PHE A 198 -17.83 -1.95 -6.77
N ILE A 199 -17.73 -0.63 -6.60
CA ILE A 199 -18.81 0.27 -6.99
C ILE A 199 -19.24 0.01 -8.42
N SER A 200 -18.28 0.04 -9.35
CA SER A 200 -18.63 0.08 -10.78
C SER A 200 -18.96 -1.29 -11.35
N SER A 201 -18.13 -2.29 -11.07
CA SER A 201 -18.32 -3.58 -11.71
C SER A 201 -19.23 -4.54 -10.94
N ILE A 202 -19.42 -4.33 -9.64
CA ILE A 202 -20.16 -5.32 -8.86
C ILE A 202 -21.45 -4.73 -8.32
N TYR A 203 -21.34 -3.79 -7.37
CA TYR A 203 -22.52 -3.32 -6.66
C TYR A 203 -23.50 -2.62 -7.60
N ASP A 204 -22.98 -1.76 -8.48
CA ASP A 204 -23.85 -1.08 -9.43
C ASP A 204 -24.71 -2.06 -10.19
N LYS A 205 -24.25 -3.30 -10.35
CA LYS A 205 -24.88 -4.32 -11.18
C LYS A 205 -25.57 -5.39 -10.35
N GLU A 206 -25.74 -5.16 -9.06
CA GLU A 206 -26.42 -6.10 -8.18
C GLU A 206 -27.92 -5.91 -8.23
N GLN A 207 -28.66 -6.97 -8.53
CA GLN A 207 -30.12 -6.90 -8.45
C GLN A 207 -30.58 -6.41 -7.07
N SER A 208 -29.92 -6.86 -6.01
CA SER A 208 -30.34 -6.57 -4.64
C SER A 208 -29.81 -5.25 -4.09
N LYS A 209 -29.01 -4.51 -4.85
CA LYS A 209 -28.27 -3.38 -4.29
C LYS A 209 -29.18 -2.43 -3.53
N ASN A 210 -28.62 -1.79 -2.51
CA ASN A 210 -29.32 -0.72 -1.81
C ASN A 210 -29.03 0.60 -2.52
N ASN A 211 -30.10 1.31 -2.90
CA ASN A 211 -29.92 2.48 -3.74
C ASN A 211 -29.34 3.64 -2.96
N VAL A 212 -29.77 3.82 -1.71
CA VAL A 212 -29.15 4.82 -0.86
C VAL A 212 -27.64 4.60 -0.81
N LEU A 213 -27.20 3.36 -0.57
CA LEU A 213 -25.78 3.12 -0.40
C LEU A 213 -25.02 3.34 -1.70
N LEU A 214 -25.61 2.93 -2.84
CA LEU A 214 -24.92 3.07 -4.12
C LEU A 214 -24.73 4.54 -4.48
N ARG A 215 -25.80 5.34 -4.36
CA ARG A 215 -25.67 6.75 -4.68
C ARG A 215 -24.64 7.41 -3.77
N PHE A 216 -24.70 7.10 -2.47
CA PHE A 216 -23.70 7.57 -1.52
C PHE A 216 -22.30 7.26 -2.02
N ALA A 217 -22.04 6.00 -2.38
CA ALA A 217 -20.68 5.61 -2.76
C ALA A 217 -20.24 6.33 -4.03
N LYS A 218 -21.12 6.40 -5.03
CA LYS A 218 -20.75 7.06 -6.28
C LYS A 218 -20.42 8.53 -6.03
N LEU A 219 -21.31 9.25 -5.33
CA LEU A 219 -21.07 10.67 -5.05
C LEU A 219 -19.79 10.86 -4.25
N ASP A 220 -19.59 10.05 -3.20
CA ASP A 220 -18.42 10.22 -2.35
C ASP A 220 -17.13 9.91 -3.11
N PHE A 221 -17.11 8.83 -3.90
CA PHE A 221 -15.92 8.56 -4.70
C PHE A 221 -15.62 9.72 -5.65
N ASN A 222 -16.64 10.22 -6.38
CA ASN A 222 -16.37 11.30 -7.30
C ASN A 222 -15.99 12.59 -6.58
N LEU A 223 -16.54 12.82 -5.39
CA LEU A 223 -16.21 14.05 -4.69
C LEU A 223 -14.77 14.04 -4.20
N LEU A 224 -14.33 12.91 -3.60
CA LEU A 224 -12.94 12.80 -3.19
C LEU A 224 -12.01 12.86 -4.39
N GLN A 225 -12.40 12.24 -5.50
CA GLN A 225 -11.56 12.28 -6.69
C GLN A 225 -11.21 13.71 -7.08
N MET A 226 -12.14 14.65 -6.88
CA MET A 226 -11.86 16.06 -7.21
C MET A 226 -10.74 16.60 -6.35
N LEU A 227 -10.73 16.23 -5.05
CA LEU A 227 -9.63 16.62 -4.18
C LEU A 227 -8.31 16.02 -4.65
N HIS A 228 -8.32 14.72 -4.96
CA HIS A 228 -7.07 14.12 -5.42
C HIS A 228 -6.61 14.78 -6.70
N LYS A 229 -7.55 15.20 -7.55
CA LYS A 229 -7.16 15.85 -8.79
C LYS A 229 -6.52 17.20 -8.53
N GLN A 230 -7.02 17.96 -7.54
CA GLN A 230 -6.35 19.20 -7.13
C GLN A 230 -4.94 18.91 -6.64
N GLU A 231 -4.82 18.00 -5.67
CA GLU A 231 -3.52 17.65 -5.14
C GLU A 231 -2.55 17.28 -6.26
N LEU A 232 -2.98 16.42 -7.18
CA LEU A 232 -2.07 16.01 -8.26
C LEU A 232 -1.71 17.19 -9.17
N ALA A 233 -2.66 18.10 -9.41
CA ALA A 233 -2.35 19.31 -10.15
C ALA A 233 -1.23 20.09 -9.46
N GLN A 234 -1.41 20.38 -8.17
CA GLN A 234 -0.43 21.17 -7.44
C GLN A 234 0.92 20.46 -7.37
N VAL A 235 0.90 19.16 -7.05
CA VAL A 235 2.11 18.35 -7.09
C VAL A 235 2.72 18.33 -8.48
N SER A 236 1.87 18.35 -9.52
CA SER A 236 2.35 18.36 -10.89
C SER A 236 3.01 19.69 -11.26
N ARG A 237 2.53 20.79 -10.66
CA ARG A 237 3.18 22.09 -10.83
C ARG A 237 4.53 22.10 -10.13
N TRP A 238 4.56 21.63 -8.88
CA TRP A 238 5.82 21.53 -8.12
C TRP A 238 6.88 20.75 -8.89
N TRP A 239 6.52 19.56 -9.38
CA TRP A 239 7.45 18.75 -10.17
C TRP A 239 7.95 19.52 -11.38
N LYS A 240 7.05 20.22 -12.07
CA LYS A 240 7.38 20.92 -13.31
C LYS A 240 8.45 21.99 -13.07
N ASP A 241 8.27 22.80 -12.02
CA ASP A 241 9.24 23.86 -11.71
C ASP A 241 10.62 23.27 -11.42
N LEU A 242 10.69 22.13 -10.73
CA LEU A 242 12.00 21.52 -10.54
C LEU A 242 12.63 21.06 -11.84
N ASP A 243 11.82 20.79 -12.87
CA ASP A 243 12.28 20.44 -14.21
C ASP A 243 13.44 19.44 -14.23
N PHE A 244 13.39 18.42 -13.35
CA PHE A 244 14.34 17.32 -13.47
C PHE A 244 14.18 16.56 -14.79
N VAL A 245 13.06 16.71 -15.49
CA VAL A 245 12.88 15.95 -16.72
C VAL A 245 13.83 16.42 -17.81
N THR A 246 14.32 17.65 -17.73
CA THR A 246 15.36 18.12 -18.63
C THR A 246 16.72 18.18 -17.96
N THR A 247 16.82 18.74 -16.75
CA THR A 247 18.12 18.88 -16.10
C THR A 247 18.68 17.55 -15.62
N LEU A 248 17.83 16.56 -15.30
CA LEU A 248 18.28 15.25 -14.81
C LEU A 248 17.71 14.14 -15.68
N PRO A 249 17.97 14.17 -16.99
CA PRO A 249 17.29 13.26 -17.91
C PRO A 249 17.61 11.78 -17.71
N TYR A 250 18.51 11.45 -16.79
CA TYR A 250 18.79 10.06 -16.47
C TYR A 250 17.75 9.47 -15.52
N ALA A 251 17.00 10.32 -14.82
CA ALA A 251 16.06 9.86 -13.79
C ALA A 251 14.71 9.49 -14.40
N ARG A 252 14.01 8.59 -13.71
CA ARG A 252 12.65 8.27 -14.10
C ARG A 252 11.74 9.46 -13.85
N ASP A 253 10.83 9.70 -14.79
CA ASP A 253 9.87 10.79 -14.71
C ASP A 253 8.50 10.19 -14.35
N ARG A 254 8.17 10.22 -13.04
CA ARG A 254 7.06 9.40 -12.55
C ARG A 254 6.27 10.07 -11.42
N VAL A 255 6.09 11.37 -11.46
CA VAL A 255 5.41 12.01 -10.34
C VAL A 255 3.97 11.52 -10.23
N VAL A 256 3.33 11.16 -11.35
CA VAL A 256 1.94 10.67 -11.30
C VAL A 256 1.89 9.32 -10.60
N GLU A 257 2.84 8.43 -10.92
CA GLU A 257 2.91 7.14 -10.25
C GLU A 257 3.19 7.33 -8.76
N CYS A 258 4.10 8.25 -8.42
CA CYS A 258 4.36 8.53 -7.01
C CYS A 258 3.08 8.97 -6.31
N TYR A 259 2.27 9.77 -7.00
CA TYR A 259 1.01 10.18 -6.38
C TYR A 259 0.11 8.99 -6.14
N PHE A 260 -0.01 8.09 -7.12
CA PHE A 260 -0.84 6.91 -6.90
C PHE A 260 -0.37 6.15 -5.66
N GLU A 261 0.95 5.91 -5.55
CA GLU A 261 1.48 5.24 -4.38
C GLU A 261 1.07 5.96 -3.10
N ALA A 262 1.19 7.28 -3.09
CA ALA A 262 0.85 8.00 -1.86
C ALA A 262 -0.65 7.99 -1.60
N LEU A 263 -1.47 7.90 -2.66
CA LEU A 263 -2.91 7.79 -2.50
C LEU A 263 -3.32 6.41 -2.01
N GLY A 264 -2.46 5.41 -2.15
CA GLY A 264 -2.70 4.12 -1.54
C GLY A 264 -2.42 4.12 -0.05
N VAL A 265 -1.47 4.94 0.40
CA VAL A 265 -1.15 5.00 1.82
C VAL A 265 -2.29 5.61 2.60
N TYR A 266 -2.92 6.63 2.04
CA TYR A 266 -4.18 7.12 2.58
C TYR A 266 -4.89 7.93 1.49
N PHE A 267 -6.22 7.80 1.45
CA PHE A 267 -7.05 8.51 0.49
C PHE A 267 -7.99 9.51 1.15
N GLU A 268 -8.24 9.39 2.45
CA GLU A 268 -9.25 10.24 3.06
C GLU A 268 -8.83 11.70 2.97
N PRO A 269 -9.78 12.64 2.95
CA PRO A 269 -9.40 14.06 2.77
C PRO A 269 -8.61 14.62 3.93
N GLN A 270 -8.81 14.11 5.15
CA GLN A 270 -8.09 14.60 6.30
C GLN A 270 -6.59 14.42 6.17
N TYR A 271 -6.14 13.63 5.20
CA TYR A 271 -4.73 13.36 4.99
C TYR A 271 -4.21 14.05 3.75
N SER A 272 -4.94 15.07 3.28
CA SER A 272 -4.51 15.84 2.12
C SER A 272 -3.09 16.36 2.29
N GLN A 273 -2.82 17.04 3.42
CA GLN A 273 -1.49 17.59 3.63
C GLN A 273 -0.44 16.49 3.70
N ALA A 274 -0.74 15.42 4.46
CA ALA A 274 0.17 14.30 4.58
C ALA A 274 0.43 13.66 3.22
N ARG A 275 -0.64 13.49 2.43
CA ARG A 275 -0.51 12.92 1.10
C ARG A 275 0.45 13.72 0.23
N VAL A 276 0.34 15.07 0.24
CA VAL A 276 1.17 15.86 -0.66
C VAL A 276 2.64 15.82 -0.21
N MET A 277 2.89 15.95 1.09
CA MET A 277 4.27 15.76 1.58
C MET A 277 4.82 14.40 1.16
N LEU A 278 4.02 13.33 1.34
CA LEU A 278 4.51 11.98 1.04
C LEU A 278 4.90 11.85 -0.43
N VAL A 279 4.05 12.33 -1.35
CA VAL A 279 4.36 12.25 -2.79
C VAL A 279 5.69 12.91 -3.08
N LYS A 280 5.93 14.07 -2.47
CA LYS A 280 7.14 14.82 -2.78
C LYS A 280 8.38 14.02 -2.40
N THR A 281 8.36 13.41 -1.21
CA THR A 281 9.48 12.55 -0.79
C THR A 281 9.68 11.37 -1.74
N ILE A 282 8.59 10.70 -2.12
CA ILE A 282 8.72 9.54 -3.00
C ILE A 282 9.42 9.95 -4.30
N SER A 283 8.92 11.02 -4.93
CA SER A 283 9.59 11.63 -6.09
C SER A 283 11.08 11.79 -5.85
N MET A 284 11.43 12.59 -4.84
CA MET A 284 12.83 12.91 -4.60
C MET A 284 13.67 11.66 -4.38
N ILE A 285 13.23 10.76 -3.48
CA ILE A 285 14.06 9.59 -3.21
C ILE A 285 14.13 8.71 -4.44
N SER A 286 13.14 8.79 -5.33
CA SER A 286 13.26 8.07 -6.57
C SER A 286 14.38 8.64 -7.43
N ILE A 287 14.64 9.95 -7.32
CA ILE A 287 15.75 10.57 -8.04
C ILE A 287 17.08 10.07 -7.50
N VAL A 288 17.27 10.16 -6.19
CA VAL A 288 18.48 9.64 -5.56
C VAL A 288 18.72 8.19 -5.98
N ASP A 289 17.66 7.39 -6.13
CA ASP A 289 17.85 6.00 -6.51
C ASP A 289 18.40 5.89 -7.93
N ASP A 290 17.84 6.66 -8.87
CA ASP A 290 18.31 6.60 -10.24
C ASP A 290 19.76 7.07 -10.38
N THR A 291 20.15 8.06 -9.57
CA THR A 291 21.53 8.56 -9.56
C THR A 291 22.52 7.46 -9.15
N PHE A 292 22.26 6.80 -8.02
CA PHE A 292 23.14 5.72 -7.57
C PHE A 292 23.13 4.54 -8.54
N ASP A 293 22.02 4.33 -9.23
CA ASP A 293 21.76 3.06 -9.88
C ASP A 293 22.23 3.03 -11.33
N ALA A 294 22.08 4.15 -12.04
CA ALA A 294 22.32 4.14 -13.48
C ALA A 294 22.97 5.44 -13.97
N TYR A 295 23.73 6.13 -13.12
CA TYR A 295 24.34 7.36 -13.59
C TYR A 295 25.64 7.72 -12.86
N GLY A 296 25.54 8.04 -11.57
CA GLY A 296 26.70 8.48 -10.83
C GLY A 296 27.83 7.46 -10.84
N THR A 297 29.01 7.96 -10.49
CA THR A 297 30.25 7.18 -10.39
C THR A 297 30.63 7.00 -8.92
N VAL A 298 31.40 5.94 -8.65
CA VAL A 298 31.83 5.61 -7.29
C VAL A 298 32.20 6.88 -6.53
N LYS A 299 33.19 7.62 -7.04
CA LYS A 299 33.65 8.82 -6.35
C LYS A 299 32.52 9.82 -6.14
N GLU A 300 31.71 10.06 -7.17
CA GLU A 300 30.58 10.98 -7.01
C GLU A 300 29.62 10.50 -5.92
N LEU A 301 29.20 9.23 -5.98
CA LEU A 301 28.21 8.74 -5.03
C LEU A 301 28.70 8.88 -3.60
N GLU A 302 30.02 8.81 -3.37
CA GLU A 302 30.55 8.97 -2.03
C GLU A 302 30.40 10.41 -1.55
N ALA A 303 30.68 11.39 -2.41
CA ALA A 303 30.50 12.78 -2.02
C ALA A 303 29.03 13.08 -1.77
N TYR A 304 28.14 12.50 -2.57
CA TYR A 304 26.72 12.60 -2.28
C TYR A 304 26.39 12.08 -0.89
N THR A 305 26.84 10.85 -0.57
CA THR A 305 26.50 10.26 0.73
C THR A 305 27.01 11.14 1.88
N ASP A 306 28.29 11.55 1.82
CA ASP A 306 28.85 12.45 2.82
C ASP A 306 28.04 13.73 2.93
N ALA A 307 27.72 14.35 1.80
CA ALA A 307 26.90 15.55 1.82
C ALA A 307 25.57 15.32 2.52
N ILE A 308 24.89 14.20 2.21
CA ILE A 308 23.63 13.88 2.87
C ILE A 308 23.85 13.68 4.36
N GLN A 309 24.87 12.91 4.74
CA GLN A 309 25.17 12.74 6.16
C GLN A 309 25.36 14.09 6.85
N ARG A 310 26.08 15.01 6.20
CA ARG A 310 26.38 16.31 6.81
C ARG A 310 25.16 17.21 6.82
N TRP A 311 24.40 17.25 5.72
CA TRP A 311 23.09 17.91 5.68
C TRP A 311 23.23 19.39 6.02
N ASP A 312 23.95 20.09 5.15
CA ASP A 312 24.30 21.49 5.33
C ASP A 312 24.52 22.09 3.95
N ILE A 313 23.88 23.25 3.72
CA ILE A 313 23.95 23.88 2.41
C ILE A 313 25.40 24.09 1.97
N ASN A 314 26.29 24.43 2.91
CA ASN A 314 27.69 24.70 2.56
C ASN A 314 28.30 23.60 1.69
N GLU A 315 27.68 22.42 1.63
CA GLU A 315 28.29 21.24 1.00
C GLU A 315 28.09 21.15 -0.49
N ILE A 316 27.23 21.98 -1.09
CA ILE A 316 26.89 21.81 -2.50
C ILE A 316 28.14 21.83 -3.37
N ASP A 317 29.01 22.83 -3.13
CA ASP A 317 30.18 23.02 -3.97
C ASP A 317 31.06 21.78 -4.04
N ARG A 318 30.96 20.89 -3.05
CA ARG A 318 31.73 19.66 -3.03
C ARG A 318 31.24 18.61 -4.02
N LEU A 319 30.07 18.84 -4.67
CA LEU A 319 29.42 17.85 -5.53
C LEU A 319 29.40 18.33 -6.99
N PRO A 320 29.47 17.43 -7.95
CA PRO A 320 29.36 17.82 -9.36
C PRO A 320 28.08 18.59 -9.62
N ASP A 321 28.00 19.19 -10.80
CA ASP A 321 26.90 20.09 -11.11
C ASP A 321 25.55 19.42 -10.89
N TYR A 322 25.26 18.36 -11.66
CA TYR A 322 23.94 17.74 -11.59
C TYR A 322 23.57 17.36 -10.16
N MET A 323 24.51 16.80 -9.40
CA MET A 323 24.20 16.43 -8.03
C MET A 323 23.84 17.63 -7.17
N LYS A 324 24.27 18.83 -7.56
CA LYS A 324 23.85 20.03 -6.86
C LYS A 324 22.35 20.26 -7.01
N ILE A 325 21.79 19.93 -8.17
CA ILE A 325 20.34 20.01 -8.36
C ILE A 325 19.64 19.15 -7.32
N SER A 326 19.86 17.83 -7.37
CA SER A 326 19.33 16.92 -6.39
C SER A 326 19.53 17.46 -4.98
N TYR A 327 20.77 17.85 -4.64
CA TYR A 327 21.09 18.12 -3.25
C TYR A 327 20.28 19.30 -2.70
N LYS A 328 20.21 20.41 -3.46
CA LYS A 328 19.49 21.59 -2.98
C LYS A 328 17.99 21.35 -2.95
N ALA A 329 17.44 20.69 -3.97
CA ALA A 329 16.02 20.40 -3.94
C ALA A 329 15.66 19.60 -2.70
N ILE A 330 16.49 18.60 -2.36
CA ILE A 330 16.23 17.81 -1.16
C ILE A 330 16.20 18.72 0.06
N LEU A 331 17.27 19.51 0.24
CA LEU A 331 17.36 20.33 1.45
C LEU A 331 16.22 21.34 1.53
N ASP A 332 15.76 21.86 0.39
CA ASP A 332 14.66 22.82 0.41
C ASP A 332 13.33 22.15 0.64
N LEU A 333 13.12 20.96 0.04
CA LEU A 333 11.92 20.20 0.34
C LEU A 333 11.69 20.11 1.84
N TYR A 334 12.78 19.91 2.60
CA TYR A 334 12.65 19.76 4.05
C TYR A 334 12.48 21.10 4.77
N LYS A 335 13.06 22.19 4.24
CA LYS A 335 12.72 23.51 4.77
C LYS A 335 11.23 23.78 4.58
N ASP A 336 10.69 23.49 3.39
CA ASP A 336 9.26 23.61 3.15
C ASP A 336 8.46 22.80 4.17
N TYR A 337 8.83 21.52 4.36
CA TYR A 337 8.16 20.69 5.36
C TYR A 337 8.14 21.42 6.71
N GLU A 338 9.30 21.91 7.14
CA GLU A 338 9.35 22.59 8.43
C GLU A 338 8.42 23.80 8.46
N LYS A 339 8.27 24.49 7.32
CA LYS A 339 7.36 25.63 7.27
C LYS A 339 5.90 25.18 7.37
N GLU A 340 5.51 24.14 6.61
CA GLU A 340 4.13 23.66 6.64
C GLU A 340 3.66 23.34 8.05
N LEU A 341 4.56 22.87 8.90
CA LEU A 341 4.20 22.38 10.22
C LEU A 341 4.34 23.43 11.31
N SER A 342 4.82 24.63 10.97
CA SER A 342 5.06 25.68 11.95
C SER A 342 3.77 26.05 12.68
N SER A 343 2.82 26.62 11.94
CA SER A 343 1.50 26.97 12.46
C SER A 343 1.01 26.05 13.56
N ALA A 344 1.22 24.75 13.43
CA ALA A 344 0.77 23.80 14.44
C ALA A 344 1.85 23.40 15.44
N GLY A 345 3.06 23.94 15.29
CA GLY A 345 4.11 23.66 16.26
C GLY A 345 4.73 22.29 16.13
N ARG A 346 4.63 21.67 14.95
CA ARG A 346 5.13 20.32 14.71
C ARG A 346 6.36 20.31 13.81
N SER A 347 7.02 21.45 13.62
CA SER A 347 8.15 21.49 12.70
C SER A 347 9.26 20.55 13.12
N HIS A 348 9.41 20.32 14.43
CA HIS A 348 10.56 19.57 14.91
C HIS A 348 10.58 18.13 14.37
N ILE A 349 9.41 17.54 14.11
CA ILE A 349 9.37 16.13 13.73
C ILE A 349 9.99 15.85 12.37
N VAL A 350 10.23 16.86 11.55
CA VAL A 350 10.87 16.62 10.26
C VAL A 350 12.19 15.87 10.42
N CYS A 351 12.87 16.07 11.54
CA CYS A 351 14.20 15.48 11.68
C CYS A 351 14.16 13.96 11.72
N HIS A 352 13.06 13.37 12.19
CA HIS A 352 12.93 11.91 12.14
C HIS A 352 13.00 11.43 10.70
N ALA A 353 12.23 12.05 9.81
CA ALA A 353 12.22 11.65 8.42
C ALA A 353 13.60 11.86 7.79
N ILE A 354 14.29 12.93 8.19
CA ILE A 354 15.63 13.21 7.66
C ILE A 354 16.61 12.12 8.06
N GLU A 355 16.61 11.73 9.34
CA GLU A 355 17.52 10.68 9.78
C GLU A 355 17.31 9.39 9.00
N ARG A 356 16.05 9.05 8.70
CA ARG A 356 15.78 7.87 7.89
C ARG A 356 16.21 8.06 6.44
N MET A 357 16.18 9.29 5.93
CA MET A 357 16.70 9.48 4.57
C MET A 357 18.22 9.35 4.52
N LYS A 358 18.93 9.90 5.52
CA LYS A 358 20.36 9.65 5.60
C LYS A 358 20.67 8.15 5.56
N GLU A 359 19.90 7.36 6.35
CA GLU A 359 20.09 5.92 6.39
C GLU A 359 19.93 5.28 5.02
N VAL A 360 18.85 5.64 4.30
CA VAL A 360 18.64 5.14 2.95
C VAL A 360 19.87 5.41 2.09
N VAL A 361 20.37 6.64 2.12
CA VAL A 361 21.46 7.01 1.23
C VAL A 361 22.72 6.21 1.57
N ARG A 362 23.09 6.15 2.87
CA ARG A 362 24.22 5.30 3.24
C ARG A 362 24.10 3.93 2.59
N ASN A 363 22.92 3.31 2.68
CA ASN A 363 22.79 1.93 2.22
C ASN A 363 22.80 1.83 0.70
N TYR A 364 22.28 2.85 0.00
CA TYR A 364 22.56 2.98 -1.43
C TYR A 364 24.05 2.90 -1.69
N ASN A 365 24.83 3.73 -0.98
CA ASN A 365 26.27 3.75 -1.17
C ASN A 365 26.89 2.37 -0.94
N VAL A 366 26.57 1.73 0.19
CA VAL A 366 27.09 0.39 0.42
C VAL A 366 26.78 -0.50 -0.77
N GLU A 367 25.55 -0.41 -1.28
CA GLU A 367 25.12 -1.28 -2.38
C GLU A 367 25.91 -0.98 -3.65
N SER A 368 26.21 0.29 -3.89
CA SER A 368 27.15 0.64 -4.96
C SER A 368 28.50 -0.05 -4.74
N THR A 369 29.11 0.15 -3.56
CA THR A 369 30.37 -0.50 -3.25
C THR A 369 30.31 -2.00 -3.53
N TRP A 370 29.24 -2.67 -3.07
CA TRP A 370 29.19 -4.12 -3.30
C TRP A 370 29.18 -4.43 -4.78
N PHE A 371 28.48 -3.62 -5.57
CA PHE A 371 28.40 -3.85 -7.00
C PHE A 371 29.77 -3.62 -7.66
N ILE A 372 30.43 -2.49 -7.36
CA ILE A 372 31.75 -2.23 -7.91
C ILE A 372 32.75 -3.34 -7.57
N GLU A 373 32.60 -4.02 -6.43
CA GLU A 373 33.54 -5.06 -6.05
C GLU A 373 33.11 -6.46 -6.46
N GLY A 374 31.87 -6.65 -6.91
CA GLY A 374 31.39 -8.00 -7.12
C GLY A 374 31.21 -8.78 -5.85
N TYR A 375 30.96 -8.10 -4.74
CA TYR A 375 30.71 -8.80 -3.48
C TYR A 375 29.31 -9.42 -3.47
N THR A 376 29.23 -10.69 -3.07
CA THR A 376 27.96 -11.41 -2.92
C THR A 376 27.82 -11.84 -1.46
N PRO A 377 27.21 -11.00 -0.62
CA PRO A 377 27.20 -11.27 0.82
C PRO A 377 26.31 -12.46 1.17
N PRO A 378 26.39 -12.92 2.40
CA PRO A 378 25.38 -13.86 2.91
C PRO A 378 24.04 -13.18 3.06
N VAL A 379 22.98 -13.98 3.07
CA VAL A 379 21.64 -13.41 3.09
C VAL A 379 21.50 -12.44 4.26
N SER A 380 21.92 -12.87 5.45
CA SER A 380 21.78 -12.00 6.61
C SER A 380 22.42 -10.65 6.36
N GLU A 381 23.64 -10.65 5.80
CA GLU A 381 24.32 -9.38 5.57
C GLU A 381 23.64 -8.58 4.47
N TYR A 382 23.24 -9.24 3.38
CA TYR A 382 22.45 -8.58 2.35
C TYR A 382 21.25 -7.83 2.94
N LEU A 383 20.50 -8.50 3.83
CA LEU A 383 19.27 -7.91 4.35
C LEU A 383 19.56 -6.74 5.27
N SER A 384 20.60 -6.83 6.08
CA SER A 384 20.90 -5.73 6.98
C SER A 384 21.18 -4.45 6.22
N ASN A 385 21.55 -4.56 4.94
CA ASN A 385 21.66 -3.36 4.11
C ASN A 385 20.45 -3.15 3.19
N ALA A 386 19.93 -4.22 2.57
CA ALA A 386 18.92 -4.07 1.53
C ALA A 386 17.51 -3.83 2.07
N LEU A 387 17.25 -4.12 3.36
CA LEU A 387 15.96 -3.76 3.91
C LEU A 387 15.73 -2.25 3.81
N ALA A 388 16.70 -1.46 4.24
CA ALA A 388 16.49 -0.02 4.17
C ALA A 388 16.53 0.53 2.75
N THR A 389 17.18 -0.16 1.79
CA THR A 389 17.15 0.40 0.45
C THR A 389 15.82 0.18 -0.27
N THR A 390 14.83 -0.40 0.41
CA THR A 390 13.44 -0.34 -0.08
C THR A 390 12.87 1.05 0.07
N THR A 391 13.45 1.88 0.93
CA THR A 391 12.93 3.19 1.33
C THR A 391 11.72 3.08 2.26
N TYR A 392 11.40 1.89 2.76
CA TYR A 392 10.12 1.73 3.43
C TYR A 392 10.14 2.21 4.89
N TYR A 393 11.27 2.09 5.61
CA TYR A 393 11.35 2.81 6.89
C TYR A 393 11.25 4.30 6.67
N TYR A 394 11.84 4.77 5.58
CA TYR A 394 11.82 6.19 5.26
C TYR A 394 10.39 6.67 4.91
N LEU A 395 9.70 5.95 4.02
CA LEU A 395 8.35 6.37 3.64
C LEU A 395 7.36 6.24 4.79
N ALA A 396 7.54 5.24 5.65
CA ALA A 396 6.63 5.11 6.77
C ALA A 396 6.81 6.27 7.73
N THR A 397 8.05 6.64 8.01
CA THR A 397 8.28 7.83 8.81
C THR A 397 7.68 9.07 8.15
N THR A 398 7.96 9.24 6.85
CA THR A 398 7.36 10.36 6.12
C THR A 398 5.84 10.39 6.26
N SER A 399 5.19 9.22 6.17
CA SER A 399 3.71 9.22 6.13
C SER A 399 3.11 9.93 7.33
N TYR A 400 3.83 9.97 8.46
CA TYR A 400 3.37 10.60 9.68
C TYR A 400 3.51 12.13 9.68
N LEU A 401 4.40 12.68 8.83
CA LEU A 401 4.71 14.11 8.88
C LEU A 401 3.44 14.94 8.83
N GLY A 402 2.56 14.63 7.87
CA GLY A 402 1.35 15.39 7.66
C GLY A 402 0.16 15.00 8.49
N MET A 403 0.29 14.00 9.37
CA MET A 403 -0.85 13.56 10.18
C MET A 403 -0.87 14.38 11.47
N LYS A 404 -1.86 15.26 11.60
CA LYS A 404 -1.84 16.21 12.71
C LYS A 404 -1.79 15.51 14.06
N SER A 405 -2.41 14.33 14.17
CA SER A 405 -2.42 13.62 15.44
C SER A 405 -1.11 12.90 15.76
N ALA A 406 -0.21 12.77 14.80
CA ALA A 406 1.07 12.11 15.09
C ALA A 406 1.81 12.85 16.18
N THR A 407 2.07 12.17 17.30
CA THR A 407 2.86 12.69 18.39
C THR A 407 4.30 12.19 18.31
N GLU A 408 5.15 12.76 19.17
CA GLU A 408 6.56 12.37 19.19
C GLU A 408 6.74 10.94 19.68
N GLN A 409 5.88 10.47 20.57
CA GLN A 409 5.97 9.08 21.02
C GLN A 409 5.61 8.12 19.90
N ASP A 410 4.80 8.58 18.93
CA ASP A 410 4.51 7.75 17.76
C ASP A 410 5.75 7.57 16.90
N PHE A 411 6.52 8.64 16.71
CA PHE A 411 7.78 8.53 15.99
C PHE A 411 8.82 7.72 16.77
N GLU A 412 8.82 7.84 18.10
CA GLU A 412 9.73 7.01 18.89
C GLU A 412 9.47 5.55 18.58
N TRP A 413 8.21 5.15 18.63
CA TRP A 413 7.84 3.76 18.36
C TRP A 413 8.35 3.32 17.00
N LEU A 414 8.15 4.16 15.99
CA LEU A 414 8.54 3.82 14.63
C LEU A 414 10.06 3.73 14.51
N SER A 415 10.80 4.53 15.30
CA SER A 415 12.26 4.47 15.19
C SER A 415 12.82 3.17 15.78
N LYS A 416 12.14 2.56 16.75
CA LYS A 416 12.67 1.31 17.25
C LYS A 416 12.53 0.13 16.26
N ASN A 417 12.11 0.38 15.02
CA ASN A 417 11.87 -0.65 14.00
C ASN A 417 10.87 -1.69 14.50
N PRO A 418 9.63 -1.30 14.81
CA PRO A 418 8.67 -2.27 15.31
C PRO A 418 8.41 -3.39 14.31
N LYS A 419 7.82 -4.45 14.83
CA LYS A 419 7.69 -5.69 14.06
C LYS A 419 6.83 -5.48 12.81
N ILE A 420 5.71 -4.75 12.96
CA ILE A 420 4.82 -4.52 11.83
C ILE A 420 5.53 -3.77 10.71
N LEU A 421 6.32 -2.74 11.07
CA LEU A 421 7.05 -2.01 10.03
C LEU A 421 8.07 -2.91 9.34
N GLU A 422 8.78 -3.73 10.12
CA GLU A 422 9.76 -4.61 9.54
C GLU A 422 9.13 -5.59 8.56
N ALA A 423 8.01 -6.21 8.95
CA ALA A 423 7.29 -7.11 8.04
C ALA A 423 6.96 -6.39 6.73
N SER A 424 6.43 -5.18 6.83
CA SER A 424 6.12 -4.45 5.61
C SER A 424 7.37 -4.25 4.75
N VAL A 425 8.50 -3.95 5.39
CA VAL A 425 9.76 -3.75 4.68
C VAL A 425 10.22 -5.04 4.01
N ILE A 426 10.07 -6.17 4.70
CA ILE A 426 10.45 -7.47 4.15
C ILE A 426 9.61 -7.81 2.92
N ILE A 427 8.29 -7.55 2.97
CA ILE A 427 7.43 -7.80 1.81
C ILE A 427 7.93 -7.00 0.61
N CYS A 428 8.12 -5.70 0.79
CA CYS A 428 8.66 -4.88 -0.29
C CYS A 428 9.96 -5.48 -0.85
N ARG A 429 10.89 -5.84 0.04
CA ARG A 429 12.21 -6.30 -0.38
C ARG A 429 12.13 -7.60 -1.18
N VAL A 430 11.37 -8.59 -0.71
CA VAL A 430 11.36 -9.86 -1.43
C VAL A 430 10.50 -9.79 -2.70
N ILE A 431 9.42 -8.99 -2.72
CA ILE A 431 8.69 -8.79 -3.97
C ILE A 431 9.62 -8.16 -5.01
N ASP A 432 10.43 -7.19 -4.59
CA ASP A 432 11.42 -6.57 -5.46
C ASP A 432 12.37 -7.57 -6.10
N ASP A 433 13.03 -8.39 -5.27
CA ASP A 433 14.08 -9.24 -5.80
C ASP A 433 13.51 -10.39 -6.62
N THR A 434 12.30 -10.86 -6.29
CA THR A 434 11.65 -11.85 -7.13
C THR A 434 11.35 -11.28 -8.51
N ALA A 435 10.97 -10.00 -8.56
CA ALA A 435 10.55 -9.40 -9.81
C ALA A 435 11.76 -8.95 -10.62
N THR A 436 12.60 -8.13 -10.00
CA THR A 436 13.79 -7.57 -10.63
C THR A 436 14.97 -8.51 -10.59
N TYR A 437 14.74 -9.83 -10.52
CA TYR A 437 15.87 -10.75 -10.53
C TYR A 437 16.52 -10.79 -11.90
N GLU A 438 15.88 -11.48 -12.85
CA GLU A 438 16.45 -11.64 -14.17
C GLU A 438 16.97 -10.32 -14.72
N VAL A 439 16.09 -9.30 -14.75
CA VAL A 439 16.38 -7.99 -15.34
C VAL A 439 17.67 -7.39 -14.78
N GLU A 440 18.10 -7.85 -13.61
CA GLU A 440 19.33 -7.33 -13.03
C GLU A 440 20.51 -8.29 -13.15
N LYS A 441 20.26 -9.59 -13.33
CA LYS A 441 21.34 -10.47 -13.77
C LYS A 441 21.72 -10.20 -15.23
N SER A 442 20.91 -9.42 -15.96
CA SER A 442 21.29 -8.95 -17.28
C SER A 442 22.30 -7.80 -17.18
N ARG A 443 22.04 -6.82 -16.32
CA ARG A 443 22.92 -5.68 -16.12
C ARG A 443 24.08 -6.04 -15.20
N GLY A 444 24.43 -7.32 -15.14
CA GLY A 444 25.61 -7.75 -14.40
C GLY A 444 25.52 -7.52 -12.90
N GLN A 445 24.32 -7.56 -12.34
CA GLN A 445 24.16 -7.43 -10.89
C GLN A 445 24.61 -8.73 -10.23
N ILE A 446 25.60 -8.62 -9.35
CA ILE A 446 26.17 -9.79 -8.71
C ILE A 446 25.61 -9.98 -7.29
N ALA A 447 25.09 -8.91 -6.66
CA ALA A 447 24.53 -8.98 -5.32
C ALA A 447 23.02 -8.78 -5.32
N THR A 448 22.32 -9.42 -6.26
CA THR A 448 20.86 -9.44 -6.20
C THR A 448 20.41 -10.31 -5.04
N GLY A 449 19.29 -9.94 -4.43
CA GLY A 449 18.78 -10.71 -3.30
C GLY A 449 18.76 -12.20 -3.56
N ILE A 450 18.25 -12.61 -4.74
CA ILE A 450 18.11 -14.03 -5.03
C ILE A 450 19.47 -14.70 -5.12
N GLU A 451 20.44 -14.02 -5.75
CA GLU A 451 21.79 -14.55 -5.89
C GLU A 451 22.40 -14.86 -4.52
N CYS A 452 22.50 -13.83 -3.66
CA CYS A 452 22.95 -14.03 -2.29
C CYS A 452 22.29 -15.26 -1.68
N CYS A 453 21.01 -15.47 -1.98
CA CYS A 453 20.27 -16.55 -1.35
C CYS A 453 20.70 -17.91 -1.90
N MET A 454 20.85 -18.00 -3.22
CA MET A 454 21.29 -19.27 -3.82
C MET A 454 22.69 -19.62 -3.34
N ARG A 455 23.63 -18.67 -3.44
CA ARG A 455 25.01 -18.90 -3.06
C ARG A 455 25.14 -19.20 -1.57
N ASP A 456 24.37 -18.49 -0.74
CA ASP A 456 24.44 -18.72 0.69
C ASP A 456 23.99 -20.13 1.06
N TYR A 457 22.79 -20.54 0.62
CA TYR A 457 22.18 -21.80 1.02
C TYR A 457 22.51 -22.97 0.09
N GLY A 458 23.04 -22.69 -1.10
CA GLY A 458 23.29 -23.73 -2.07
C GLY A 458 21.99 -24.35 -2.57
N ILE A 459 21.26 -23.58 -3.35
CA ILE A 459 19.92 -23.96 -3.80
C ILE A 459 19.63 -23.22 -5.11
N SER A 460 18.80 -23.83 -5.95
CA SER A 460 18.62 -23.28 -7.27
C SER A 460 17.84 -21.97 -7.19
N THR A 461 17.78 -21.27 -8.34
CA THR A 461 16.98 -20.06 -8.41
C THR A 461 15.55 -20.29 -7.90
N LYS A 462 14.92 -21.38 -8.31
CA LYS A 462 13.54 -21.64 -7.86
C LYS A 462 13.47 -21.71 -6.34
N GLU A 463 14.12 -22.71 -5.74
CA GLU A 463 14.06 -22.88 -4.28
C GLU A 463 14.33 -21.57 -3.56
N ALA A 464 15.27 -20.77 -4.07
CA ALA A 464 15.54 -19.49 -3.46
C ALA A 464 14.35 -18.55 -3.60
N MET A 465 13.68 -18.58 -4.74
CA MET A 465 12.48 -17.77 -4.92
C MET A 465 11.37 -18.22 -3.99
N ALA A 466 11.26 -19.52 -3.73
CA ALA A 466 10.27 -20.00 -2.77
C ALA A 466 10.64 -19.64 -1.34
N LYS A 467 11.93 -19.50 -1.05
CA LYS A 467 12.31 -19.08 0.30
C LYS A 467 11.93 -17.62 0.52
N PHE A 468 12.11 -16.78 -0.50
CA PHE A 468 11.63 -15.41 -0.42
C PHE A 468 10.11 -15.36 -0.33
N GLN A 469 9.41 -16.23 -1.06
CA GLN A 469 7.96 -16.25 -0.90
C GLN A 469 7.56 -16.53 0.53
N ASN A 470 8.33 -17.37 1.24
CA ASN A 470 7.99 -17.73 2.61
C ASN A 470 8.21 -16.57 3.58
N MET A 471 9.27 -15.80 3.37
CA MET A 471 9.47 -14.63 4.20
C MET A 471 8.33 -13.64 4.01
N ALA A 472 7.81 -13.55 2.79
CA ALA A 472 6.67 -12.68 2.55
C ALA A 472 5.43 -13.20 3.27
N GLU A 473 5.20 -14.52 3.22
CA GLU A 473 4.06 -15.08 3.95
C GLU A 473 4.22 -14.91 5.45
N THR A 474 5.42 -15.21 5.96
CA THR A 474 5.71 -14.92 7.35
C THR A 474 5.42 -13.46 7.65
N ALA A 475 5.85 -12.57 6.77
CA ALA A 475 5.69 -11.14 7.00
C ALA A 475 4.21 -10.74 7.02
N TRP A 476 3.41 -11.26 6.09
CA TRP A 476 1.97 -10.93 6.15
C TRP A 476 1.34 -11.41 7.46
N LYS A 477 1.72 -12.61 7.93
CA LYS A 477 1.20 -13.03 9.22
C LYS A 477 1.63 -12.07 10.32
N ASP A 478 2.82 -11.50 10.21
CA ASP A 478 3.29 -10.56 11.22
C ASP A 478 2.55 -9.24 11.15
N ILE A 479 2.29 -8.74 9.94
CA ILE A 479 1.44 -7.56 9.81
C ILE A 479 0.06 -7.81 10.41
N ASN A 480 -0.57 -8.95 10.07
CA ASN A 480 -1.90 -9.21 10.62
C ASN A 480 -1.85 -9.31 12.13
N GLU A 481 -0.77 -9.87 12.65
CA GLU A 481 -0.67 -9.95 14.10
C GLU A 481 -0.49 -8.58 14.71
N GLY A 482 0.26 -7.70 14.03
CA GLY A 482 0.51 -6.34 14.49
C GLY A 482 -0.71 -5.44 14.51
N LEU A 483 -1.79 -5.83 13.83
CA LEU A 483 -3.03 -5.06 13.92
C LEU A 483 -3.90 -5.46 15.12
N LEU A 484 -3.55 -6.51 15.86
CA LEU A 484 -4.42 -7.01 16.92
C LEU A 484 -4.30 -6.15 18.18
N ARG A 485 -5.45 -5.89 18.81
CA ARG A 485 -5.46 -5.14 20.06
C ARG A 485 -4.94 -6.00 21.21
N PRO A 486 -4.33 -5.36 22.21
CA PRO A 486 -4.04 -3.92 22.28
C PRO A 486 -2.91 -3.50 21.36
N THR A 487 -3.11 -2.47 20.51
CA THR A 487 -2.08 -2.02 19.57
C THR A 487 -1.06 -1.13 20.26
N PRO A 488 0.19 -1.14 19.81
CA PRO A 488 1.22 -0.33 20.48
C PRO A 488 1.06 1.17 20.23
N VAL A 489 0.39 1.54 19.15
CA VAL A 489 0.03 2.93 18.84
C VAL A 489 -1.39 2.90 18.32
N SER A 490 -1.96 4.08 18.07
CA SER A 490 -3.29 4.12 17.48
C SER A 490 -3.28 3.44 16.12
N THR A 491 -4.36 2.68 15.86
CA THR A 491 -4.56 2.08 14.56
C THR A 491 -4.35 3.08 13.42
N GLU A 492 -4.66 4.34 13.66
CA GLU A 492 -4.43 5.33 12.62
C GLU A 492 -2.98 5.35 12.16
N PHE A 493 -2.04 5.00 13.03
CA PHE A 493 -0.64 5.00 12.64
C PHE A 493 -0.16 3.64 12.22
N LEU A 494 -1.02 2.61 12.30
CA LEU A 494 -0.73 1.28 11.79
C LEU A 494 -1.17 1.11 10.35
N THR A 495 -2.32 1.69 9.97
CA THR A 495 -2.82 1.51 8.61
C THR A 495 -1.84 1.96 7.54
N PRO A 496 -1.10 3.06 7.68
CA PRO A 496 -0.16 3.43 6.61
C PRO A 496 0.87 2.34 6.34
N ILE A 497 1.33 1.67 7.38
CA ILE A 497 2.32 0.61 7.21
C ILE A 497 1.72 -0.55 6.44
N LEU A 498 0.51 -0.96 6.83
CA LEU A 498 -0.23 -1.99 6.11
C LEU A 498 -0.47 -1.58 4.66
N ASN A 499 -0.86 -0.32 4.44
CA ASN A 499 -1.08 0.12 3.07
C ASN A 499 0.20 0.15 2.25
N LEU A 500 1.36 0.37 2.90
CA LEU A 500 2.65 0.25 2.21
C LEU A 500 2.87 -1.14 1.66
N ALA A 501 2.50 -2.17 2.43
CA ALA A 501 2.59 -3.54 1.94
C ALA A 501 1.62 -3.78 0.80
N ARG A 502 0.39 -3.25 0.91
CA ARG A 502 -0.57 -3.40 -0.17
C ARG A 502 -0.05 -2.77 -1.46
N ILE A 503 0.45 -1.55 -1.36
CA ILE A 503 0.97 -0.82 -2.51
C ILE A 503 2.02 -1.64 -3.24
N VAL A 504 2.89 -2.33 -2.49
CA VAL A 504 3.93 -3.14 -3.14
C VAL A 504 3.31 -4.31 -3.86
N GLU A 505 2.39 -5.03 -3.21
CA GLU A 505 1.71 -6.16 -3.86
C GLU A 505 0.98 -5.73 -5.13
N VAL A 506 0.26 -4.61 -5.06
CA VAL A 506 -0.52 -4.18 -6.21
C VAL A 506 0.37 -3.68 -7.34
N THR A 507 1.52 -3.09 -7.03
CA THR A 507 2.36 -2.53 -8.08
C THR A 507 3.20 -3.58 -8.78
N TYR A 508 3.55 -4.67 -8.10
CA TYR A 508 4.32 -5.76 -8.69
C TYR A 508 3.48 -6.99 -8.94
N ILE A 509 2.15 -6.83 -9.01
CA ILE A 509 1.30 -7.97 -9.35
C ILE A 509 1.84 -8.59 -10.62
N HIS A 510 1.77 -9.92 -10.70
CA HIS A 510 2.27 -10.63 -11.88
C HIS A 510 3.77 -10.41 -12.11
N ASN A 511 4.51 -10.03 -11.07
CA ASN A 511 5.97 -10.10 -11.07
C ASN A 511 6.60 -9.20 -12.12
N LEU A 512 6.20 -7.92 -12.12
CA LEU A 512 6.77 -6.94 -13.03
C LEU A 512 6.80 -5.58 -12.34
N ASP A 513 7.93 -4.88 -12.44
CA ASP A 513 8.09 -3.55 -11.84
C ASP A 513 7.11 -2.56 -12.47
N GLY A 514 5.98 -2.32 -11.82
CA GLY A 514 4.96 -1.46 -12.35
C GLY A 514 5.19 0.02 -12.14
N TYR A 515 6.17 0.38 -11.30
CA TYR A 515 6.52 1.79 -11.14
C TYR A 515 7.43 2.25 -12.28
N THR A 516 8.42 1.44 -12.63
CA THR A 516 9.28 1.78 -13.75
C THR A 516 8.58 1.55 -15.08
N HIS A 517 7.77 0.48 -15.17
CA HIS A 517 7.01 0.17 -16.38
C HIS A 517 5.52 0.35 -16.11
N PRO A 518 5.08 1.58 -15.86
CA PRO A 518 3.69 1.79 -15.41
C PRO A 518 2.63 1.36 -16.40
N GLU A 519 2.90 1.37 -17.72
CA GLU A 519 1.81 1.31 -18.69
C GLU A 519 0.92 0.08 -18.52
N LYS A 520 1.46 -1.02 -17.97
CA LYS A 520 0.67 -2.24 -17.96
C LYS A 520 -0.16 -2.43 -16.68
N VAL A 521 0.37 -2.04 -15.53
CA VAL A 521 -0.29 -2.30 -14.24
C VAL A 521 -0.80 -1.03 -13.59
N LEU A 522 -0.01 0.05 -13.60
CA LEU A 522 -0.44 1.29 -12.92
C LEU A 522 -1.34 2.18 -13.78
N LYS A 523 -1.15 2.18 -15.10
CA LYS A 523 -1.94 3.05 -15.96
C LYS A 523 -3.44 2.84 -15.77
N PRO A 524 -3.98 1.62 -15.90
CA PRO A 524 -5.42 1.44 -15.67
C PRO A 524 -5.87 1.91 -14.30
N HIS A 525 -5.05 1.77 -13.26
CA HIS A 525 -5.44 2.26 -11.93
C HIS A 525 -5.51 3.78 -11.90
N ILE A 526 -4.47 4.44 -12.42
CA ILE A 526 -4.45 5.90 -12.44
C ILE A 526 -5.62 6.45 -13.23
N ILE A 527 -5.97 5.80 -14.33
CA ILE A 527 -7.13 6.23 -15.11
C ILE A 527 -8.41 6.04 -14.30
N ASN A 528 -8.58 4.88 -13.67
CA ASN A 528 -9.80 4.66 -12.90
C ASN A 528 -9.88 5.53 -11.67
N LEU A 529 -8.74 5.93 -11.10
CA LEU A 529 -8.78 6.69 -9.87
C LEU A 529 -8.66 8.20 -10.09
N LEU A 530 -8.03 8.63 -11.18
CA LEU A 530 -7.72 10.06 -11.32
C LEU A 530 -8.15 10.68 -12.64
N VAL A 531 -8.63 9.90 -13.61
CA VAL A 531 -9.13 10.48 -14.86
C VAL A 531 -10.64 10.33 -14.89
N ASP A 532 -11.13 9.11 -15.12
CA ASP A 532 -12.55 8.84 -15.25
C ASP A 532 -13.26 8.91 -13.89
N SER A 533 -14.32 9.71 -13.83
CA SER A 533 -15.24 9.62 -12.71
C SER A 533 -16.17 8.41 -12.88
N ILE A 534 -16.90 8.09 -11.81
CA ILE A 534 -17.84 6.98 -11.86
C ILE A 534 -19.16 7.50 -12.44
N LYS A 535 -19.59 6.91 -13.55
CA LYS A 535 -20.82 7.39 -14.18
C LYS A 535 -21.98 7.15 -13.24
N ILE A 536 -22.72 8.21 -12.96
CA ILE A 536 -23.80 8.14 -11.99
C ILE A 536 -25.07 7.76 -12.73
#